data_2BTM
#
_entry.id   2BTM
#
_cell.length_a   78.132
_cell.length_b   107.913
_cell.length_c   70.980
_cell.angle_alpha   90.00
_cell.angle_beta   90.00
_cell.angle_gamma   90.00
#
_symmetry.space_group_name_H-M   'P 21 21 2'
#
loop_
_entity.id
_entity.type
_entity.pdbx_description
1 polymer 'PROTEIN (TRIOSEPHOSPHATE ISOMERASE)'
2 non-polymer '2-PHOSPHOGLYCOLIC ACID'
3 water water
#
_entity_poly.entity_id   1
_entity_poly.type   'polypeptide(L)'
_entity_poly.pdbx_seq_one_letter_code
;RKPIIAGNWKMNGTLAEAVQFVEDVKGHVPPADEVISVVCAPFLFLDRLVQAADGTDLKIGAQTMHFADQGAYTGEVSPV
MLKDLGVTYVILGHSERRQMFAETDETVNKKVLAAFTRGLIPIICCGESLEEREAGQTNAVVASQVEKALAGLTPEQVKQ
AVIAYEPIWAIGTGKSSTPEDANSVCGHIRSVVSRLFGPEAAEAIRIQYGGSVKPDNIRDFLAQQQIDGALVGGASLEPA
SFLQLVEAGRHE
;
_entity_poly.pdbx_strand_id   A,B
#
loop_
_chem_comp.id
_chem_comp.type
_chem_comp.name
_chem_comp.formula
PGA non-polymer '2-PHOSPHOGLYCOLIC ACID' 'C2 H5 O6 P'
#
# COMPACT_ATOMS: atom_id res chain seq x y z
N ARG A 1 6.96 2.64 -32.63
CA ARG A 1 6.71 2.49 -31.16
C ARG A 1 7.45 3.57 -30.37
N LYS A 2 6.70 4.41 -29.67
CA LYS A 2 7.35 5.45 -28.88
C LYS A 2 7.99 4.83 -27.65
N PRO A 3 9.26 5.14 -27.39
CA PRO A 3 9.91 4.56 -26.21
C PRO A 3 9.32 5.11 -24.91
N ILE A 4 9.44 4.32 -23.84
CA ILE A 4 8.93 4.72 -22.55
C ILE A 4 9.87 4.28 -21.44
N ILE A 5 10.32 5.25 -20.66
CA ILE A 5 11.22 5.00 -19.55
C ILE A 5 10.49 5.34 -18.27
N ALA A 6 10.30 4.34 -17.42
CA ALA A 6 9.61 4.55 -16.17
C ALA A 6 10.52 4.30 -14.99
N GLY A 7 10.54 5.25 -14.07
CA GLY A 7 11.36 5.11 -12.90
C GLY A 7 10.49 4.59 -11.77
N ASN A 8 10.94 3.51 -11.12
CA ASN A 8 10.23 2.92 -10.01
C ASN A 8 11.04 3.20 -8.73
N TRP A 9 10.67 4.25 -8.03
CA TRP A 9 11.38 4.64 -6.81
C TRP A 9 11.23 3.62 -5.70
N LYS A 10 10.26 2.73 -5.84
CA LYS A 10 9.96 1.73 -4.82
C LYS A 10 9.73 2.46 -3.51
N MET A 11 10.08 1.86 -2.39
CA MET A 11 9.85 2.50 -1.10
C MET A 11 11.01 3.37 -0.68
N ASN A 12 11.16 4.50 -1.37
CA ASN A 12 12.25 5.41 -1.10
C ASN A 12 11.81 6.86 -1.09
N GLY A 13 12.59 7.69 -0.40
CA GLY A 13 12.33 9.11 -0.34
C GLY A 13 11.37 9.62 0.73
N THR A 14 11.35 10.93 0.84
CA THR A 14 10.48 11.64 1.76
C THR A 14 9.76 12.62 0.85
N LEU A 15 8.66 13.19 1.33
CA LEU A 15 7.90 14.11 0.52
C LEU A 15 8.74 15.24 -0.08
N ALA A 16 9.51 15.91 0.76
CA ALA A 16 10.35 17.02 0.32
C ALA A 16 11.29 16.62 -0.83
N GLU A 17 12.02 15.54 -0.65
CA GLU A 17 12.96 15.09 -1.68
C GLU A 17 12.24 14.77 -2.97
N ALA A 18 11.09 14.12 -2.84
CA ALA A 18 10.29 13.73 -4.00
C ALA A 18 9.85 14.95 -4.79
N VAL A 19 9.44 15.99 -4.08
CA VAL A 19 9.00 17.22 -4.73
C VAL A 19 10.16 17.90 -5.42
N GLN A 20 11.31 17.94 -4.74
CA GLN A 20 12.49 18.58 -5.30
C GLN A 20 12.90 17.84 -6.57
N PHE A 21 12.81 16.52 -6.50
CA PHE A 21 13.14 15.65 -7.63
C PHE A 21 12.32 16.02 -8.87
N VAL A 22 11.01 16.15 -8.69
CA VAL A 22 10.13 16.48 -9.80
C VAL A 22 10.45 17.88 -10.32
N GLU A 23 10.59 18.82 -9.39
CA GLU A 23 10.90 20.19 -9.72
C GLU A 23 12.21 20.31 -10.51
N ASP A 24 13.21 19.51 -10.14
CA ASP A 24 14.49 19.56 -10.83
C ASP A 24 14.45 18.95 -12.22
N VAL A 25 13.57 17.97 -12.38
CA VAL A 25 13.46 17.23 -13.63
C VAL A 25 12.33 17.56 -14.60
N LYS A 26 11.15 17.87 -14.08
CA LYS A 26 9.99 18.11 -14.92
C LYS A 26 10.17 18.96 -16.17
N GLY A 27 10.93 20.04 -16.06
CA GLY A 27 11.12 20.90 -17.21
C GLY A 27 12.25 20.52 -18.14
N HIS A 28 13.01 19.49 -17.81
CA HIS A 28 14.13 19.09 -18.65
C HIS A 28 13.99 17.71 -19.24
N VAL A 29 12.81 17.15 -19.07
CA VAL A 29 12.51 15.84 -19.62
C VAL A 29 12.27 16.04 -21.12
N PRO A 30 12.59 15.03 -21.94
CA PRO A 30 12.38 15.12 -23.39
C PRO A 30 10.92 15.38 -23.73
N PRO A 31 10.65 15.80 -24.97
CA PRO A 31 9.27 16.07 -25.40
C PRO A 31 8.45 14.80 -25.33
N ALA A 32 7.20 14.91 -24.91
CA ALA A 32 6.32 13.74 -24.79
C ALA A 32 6.13 12.97 -26.09
N ASP A 33 6.09 13.67 -27.22
CA ASP A 33 5.89 12.99 -28.49
C ASP A 33 7.12 12.16 -28.88
N GLU A 34 8.23 12.42 -28.19
CA GLU A 34 9.45 11.68 -28.46
C GLU A 34 9.63 10.51 -27.49
N VAL A 35 9.48 10.79 -26.20
CA VAL A 35 9.64 9.77 -25.17
C VAL A 35 8.66 9.96 -24.02
N ILE A 36 8.14 8.84 -23.51
CA ILE A 36 7.24 8.91 -22.38
C ILE A 36 8.08 8.75 -21.13
N SER A 37 8.14 9.82 -20.34
CA SER A 37 8.93 9.83 -19.11
C SER A 37 7.98 9.66 -17.94
N VAL A 38 8.17 8.57 -17.20
CA VAL A 38 7.30 8.28 -16.07
C VAL A 38 8.03 8.08 -14.76
N VAL A 39 7.43 8.60 -13.69
CA VAL A 39 7.96 8.45 -12.35
C VAL A 39 6.89 7.81 -11.47
N CYS A 40 7.20 6.63 -10.95
CA CYS A 40 6.28 5.92 -10.08
C CYS A 40 6.77 6.07 -8.65
N ALA A 41 6.08 6.91 -7.88
CA ALA A 41 6.46 7.19 -6.51
C ALA A 41 5.53 6.58 -5.48
N PRO A 42 5.96 6.56 -4.20
CA PRO A 42 5.15 6.01 -3.12
C PRO A 42 3.81 6.74 -3.07
N PHE A 43 2.76 6.03 -2.67
CA PHE A 43 1.43 6.62 -2.59
C PHE A 43 1.39 7.96 -1.89
N LEU A 44 2.11 8.06 -0.78
CA LEU A 44 2.16 9.28 0.02
C LEU A 44 2.50 10.55 -0.75
N PHE A 45 3.37 10.43 -1.75
CA PHE A 45 3.82 11.61 -2.50
C PHE A 45 3.05 11.98 -3.76
N LEU A 46 2.25 11.06 -4.28
CA LEU A 46 1.52 11.30 -5.52
C LEU A 46 0.82 12.64 -5.65
N ASP A 47 0.00 12.99 -4.67
CA ASP A 47 -0.73 14.24 -4.69
C ASP A 47 0.13 15.46 -5.09
N ARG A 48 1.16 15.75 -4.30
CA ARG A 48 2.03 16.88 -4.57
C ARG A 48 2.78 16.74 -5.88
N LEU A 49 3.15 15.52 -6.21
CA LEU A 49 3.87 15.28 -7.45
C LEU A 49 3.01 15.58 -8.66
N VAL A 50 1.77 15.13 -8.63
CA VAL A 50 0.87 15.38 -9.74
C VAL A 50 0.69 16.88 -9.94
N GLN A 51 0.50 17.60 -8.85
CA GLN A 51 0.33 19.06 -8.92
C GLN A 51 1.58 19.73 -9.48
N ALA A 52 2.75 19.29 -9.01
CA ALA A 52 4.00 19.86 -9.45
C ALA A 52 4.33 19.53 -10.90
N ALA A 53 4.01 18.31 -11.33
CA ALA A 53 4.30 17.91 -12.70
C ALA A 53 3.26 18.36 -13.72
N ASP A 54 2.14 18.86 -13.23
CA ASP A 54 1.08 19.31 -14.13
C ASP A 54 1.61 20.31 -15.16
N GLY A 55 1.23 20.10 -16.42
CA GLY A 55 1.65 21.01 -17.48
C GLY A 55 3.00 20.69 -18.07
N THR A 56 3.61 19.58 -17.68
CA THR A 56 4.92 19.20 -18.20
C THR A 56 4.82 17.83 -18.83
N ASP A 57 5.91 17.33 -19.39
CA ASP A 57 5.90 16.02 -20.02
C ASP A 57 6.27 14.91 -19.05
N LEU A 58 6.49 15.27 -17.79
CA LEU A 58 6.84 14.28 -16.80
C LEU A 58 5.54 13.69 -16.28
N LYS A 59 5.32 12.41 -16.53
CA LYS A 59 4.12 11.75 -16.06
C LYS A 59 4.35 11.05 -14.73
N ILE A 60 3.31 11.00 -13.91
CA ILE A 60 3.39 10.40 -12.59
C ILE A 60 2.63 9.08 -12.51
N GLY A 61 3.30 8.05 -11.97
CA GLY A 61 2.67 6.75 -11.82
C GLY A 61 2.66 6.25 -10.38
N ALA A 62 1.84 5.23 -10.13
CA ALA A 62 1.76 4.62 -8.81
C ALA A 62 2.52 3.30 -8.92
N GLN A 63 2.93 2.75 -7.78
CA GLN A 63 3.69 1.51 -7.77
C GLN A 63 2.82 0.27 -7.69
N THR A 64 1.52 0.48 -7.43
CA THR A 64 0.56 -0.62 -7.37
C THR A 64 -0.81 -0.05 -7.05
N MET A 65 -1.80 -0.93 -6.98
CA MET A 65 -3.16 -0.53 -6.65
C MET A 65 -3.95 -1.81 -6.46
N HIS A 66 -5.15 -1.67 -5.92
CA HIS A 66 -6.02 -2.81 -5.73
C HIS A 66 -6.88 -2.84 -6.99
N PHE A 67 -7.71 -3.87 -7.16
CA PHE A 67 -8.55 -3.94 -8.34
C PHE A 67 -9.96 -3.39 -8.15
N ALA A 68 -10.41 -3.33 -6.90
CA ALA A 68 -11.75 -2.81 -6.61
C ALA A 68 -11.76 -1.29 -6.55
N ASP A 69 -12.91 -0.70 -6.83
CA ASP A 69 -13.05 0.76 -6.81
C ASP A 69 -13.05 1.30 -5.39
N GLN A 70 -13.51 0.47 -4.46
CA GLN A 70 -13.60 0.84 -3.06
C GLN A 70 -13.97 -0.43 -2.29
N GLY A 71 -13.93 -0.36 -0.96
CA GLY A 71 -14.29 -1.54 -0.18
C GLY A 71 -13.44 -1.79 1.05
N ALA A 72 -13.72 -2.91 1.70
CA ALA A 72 -13.03 -3.31 2.92
C ALA A 72 -11.67 -3.93 2.64
N TYR A 73 -10.73 -3.10 2.20
CA TYR A 73 -9.38 -3.54 1.91
C TYR A 73 -8.45 -2.56 2.59
N THR A 74 -8.37 -2.69 3.91
CA THR A 74 -7.53 -1.81 4.71
C THR A 74 -6.12 -1.72 4.11
N GLY A 75 -5.65 -0.49 3.95
CA GLY A 75 -4.33 -0.26 3.41
C GLY A 75 -4.21 -0.17 1.90
N GLU A 76 -5.25 -0.59 1.18
CA GLU A 76 -5.22 -0.55 -0.29
C GLU A 76 -5.68 0.76 -0.90
N VAL A 77 -5.17 1.03 -2.09
CA VAL A 77 -5.50 2.23 -2.86
C VAL A 77 -6.18 1.75 -4.13
N SER A 78 -7.32 2.35 -4.46
CA SER A 78 -8.08 1.94 -5.64
C SER A 78 -7.74 2.76 -6.88
N PRO A 79 -8.02 2.20 -8.07
CA PRO A 79 -7.74 2.89 -9.32
C PRO A 79 -8.53 4.21 -9.41
N VAL A 80 -9.71 4.22 -8.79
CA VAL A 80 -10.55 5.40 -8.78
C VAL A 80 -9.81 6.54 -8.07
N MET A 81 -9.24 6.23 -6.90
CA MET A 81 -8.50 7.23 -6.14
C MET A 81 -7.32 7.77 -6.93
N LEU A 82 -6.63 6.88 -7.64
CA LEU A 82 -5.47 7.26 -8.42
C LEU A 82 -5.84 8.15 -9.60
N LYS A 83 -6.84 7.73 -10.37
CA LYS A 83 -7.28 8.50 -11.52
C LYS A 83 -7.67 9.89 -11.03
N ASP A 84 -8.50 9.91 -10.00
CA ASP A 84 -8.99 11.14 -9.39
C ASP A 84 -7.83 12.08 -9.04
N LEU A 85 -6.75 11.52 -8.51
CA LEU A 85 -5.59 12.33 -8.14
C LEU A 85 -4.86 12.89 -9.36
N GLY A 86 -5.04 12.26 -10.51
CA GLY A 86 -4.37 12.73 -11.71
C GLY A 86 -3.22 11.83 -12.10
N VAL A 87 -3.15 10.65 -11.48
CA VAL A 87 -2.09 9.68 -11.77
C VAL A 87 -2.41 9.00 -13.11
N THR A 88 -1.42 8.90 -13.99
CA THR A 88 -1.65 8.29 -15.29
C THR A 88 -1.16 6.84 -15.43
N TYR A 89 -0.02 6.53 -14.81
CA TYR A 89 0.50 5.18 -14.89
C TYR A 89 0.47 4.44 -13.57
N VAL A 90 0.47 3.11 -13.65
CA VAL A 90 0.49 2.29 -12.45
C VAL A 90 1.23 0.99 -12.75
N ILE A 91 2.18 0.65 -11.89
CA ILE A 91 2.94 -0.59 -12.05
C ILE A 91 2.08 -1.70 -11.45
N LEU A 92 2.01 -2.83 -12.13
CA LEU A 92 1.21 -3.93 -11.64
C LEU A 92 1.97 -5.24 -11.73
N GLY A 93 1.82 -6.05 -10.68
CA GLY A 93 2.46 -7.35 -10.65
C GLY A 93 3.97 -7.34 -10.54
N HIS A 94 4.52 -6.30 -9.92
CA HIS A 94 5.95 -6.25 -9.77
C HIS A 94 6.34 -7.50 -8.99
N SER A 95 7.46 -8.12 -9.37
CA SER A 95 7.92 -9.34 -8.72
C SER A 95 7.99 -9.21 -7.20
N GLU A 96 8.22 -8.01 -6.71
CA GLU A 96 8.30 -7.80 -5.27
C GLU A 96 6.95 -8.04 -4.62
N ARG A 97 5.88 -7.63 -5.31
CA ARG A 97 4.53 -7.81 -4.82
C ARG A 97 4.15 -9.29 -4.90
N ARG A 98 4.49 -9.90 -6.03
CA ARG A 98 4.18 -11.31 -6.29
C ARG A 98 4.82 -12.26 -5.28
N GLN A 99 6.08 -12.00 -4.91
CA GLN A 99 6.74 -12.87 -3.96
C GLN A 99 6.53 -12.52 -2.49
N MET A 100 6.26 -11.25 -2.20
CA MET A 100 6.08 -10.86 -0.80
C MET A 100 4.68 -10.53 -0.33
N PHE A 101 3.81 -10.08 -1.23
CA PHE A 101 2.48 -9.69 -0.78
C PHE A 101 1.28 -10.39 -1.38
N ALA A 102 1.47 -11.65 -1.78
CA ALA A 102 0.39 -12.45 -2.33
C ALA A 102 -0.21 -11.96 -3.64
N GLU A 103 0.59 -11.28 -4.45
CA GLU A 103 0.12 -10.80 -5.74
C GLU A 103 0.24 -11.97 -6.70
N THR A 104 -0.88 -12.39 -7.26
CA THR A 104 -0.87 -13.53 -8.20
C THR A 104 -1.25 -13.07 -9.59
N ASP A 105 -1.14 -13.98 -10.55
CA ASP A 105 -1.50 -13.65 -11.92
C ASP A 105 -2.97 -13.26 -11.97
N GLU A 106 -3.79 -13.94 -11.19
CA GLU A 106 -5.22 -13.67 -11.14
C GLU A 106 -5.49 -12.23 -10.68
N THR A 107 -4.82 -11.81 -9.60
CA THR A 107 -5.02 -10.45 -9.10
C THR A 107 -4.44 -9.39 -10.04
N VAL A 108 -3.31 -9.71 -10.67
CA VAL A 108 -2.69 -8.78 -11.62
C VAL A 108 -3.68 -8.53 -12.75
N ASN A 109 -4.25 -9.62 -13.28
CA ASN A 109 -5.22 -9.53 -14.37
C ASN A 109 -6.38 -8.65 -13.97
N LYS A 110 -6.88 -8.87 -12.76
CA LYS A 110 -7.98 -8.06 -12.24
C LYS A 110 -7.60 -6.59 -12.22
N LYS A 111 -6.35 -6.31 -11.92
CA LYS A 111 -5.88 -4.94 -11.85
C LYS A 111 -5.68 -4.37 -13.25
N VAL A 112 -5.17 -5.20 -14.16
CA VAL A 112 -4.95 -4.75 -15.52
C VAL A 112 -6.29 -4.29 -16.10
N LEU A 113 -7.33 -5.06 -15.84
CA LEU A 113 -8.67 -4.75 -16.33
C LEU A 113 -9.21 -3.51 -15.61
N ALA A 114 -8.96 -3.43 -14.31
CA ALA A 114 -9.42 -2.29 -13.54
C ALA A 114 -8.76 -1.02 -14.06
N ALA A 115 -7.46 -1.12 -14.32
CA ALA A 115 -6.70 0.02 -14.83
C ALA A 115 -7.32 0.55 -16.11
N PHE A 116 -7.54 -0.33 -17.07
CA PHE A 116 -8.11 0.09 -18.34
C PHE A 116 -9.50 0.67 -18.20
N THR A 117 -10.34 0.05 -17.37
CA THR A 117 -11.69 0.56 -17.18
C THR A 117 -11.69 1.87 -16.40
N ARG A 118 -10.56 2.19 -15.76
CA ARG A 118 -10.47 3.41 -14.98
C ARG A 118 -9.61 4.52 -15.59
N GLY A 119 -9.06 4.26 -16.78
CA GLY A 119 -8.26 5.28 -17.44
C GLY A 119 -6.81 5.38 -17.00
N LEU A 120 -6.24 4.27 -16.58
CA LEU A 120 -4.86 4.24 -16.14
C LEU A 120 -4.07 3.33 -17.05
N ILE A 121 -2.84 3.71 -17.36
CA ILE A 121 -1.99 2.89 -18.20
C ILE A 121 -1.16 1.98 -17.31
N PRO A 122 -1.41 0.67 -17.39
CA PRO A 122 -0.68 -0.30 -16.58
C PRO A 122 0.66 -0.71 -17.14
N ILE A 123 1.63 -0.87 -16.24
CA ILE A 123 2.95 -1.33 -16.61
C ILE A 123 2.94 -2.70 -15.96
N ILE A 124 2.64 -3.71 -16.76
CA ILE A 124 2.55 -5.08 -16.30
C ILE A 124 3.89 -5.77 -16.26
N CYS A 125 4.29 -6.17 -15.06
CA CYS A 125 5.56 -6.84 -14.86
C CYS A 125 5.46 -8.35 -14.93
N CYS A 126 6.48 -8.94 -15.56
CA CYS A 126 6.57 -10.38 -15.70
C CYS A 126 8.06 -10.71 -15.62
N GLY A 127 8.38 -11.95 -15.34
CA GLY A 127 9.79 -12.32 -15.24
C GLY A 127 9.93 -13.68 -14.61
N GLU A 128 11.07 -14.32 -14.86
CA GLU A 128 11.33 -15.64 -14.33
C GLU A 128 12.33 -15.61 -13.19
N SER A 129 12.26 -16.63 -12.33
CA SER A 129 13.18 -16.70 -11.22
C SER A 129 14.50 -17.27 -11.73
N LEU A 130 15.53 -17.20 -10.90
CA LEU A 130 16.83 -17.73 -11.29
C LEU A 130 16.66 -19.21 -11.59
N GLU A 131 15.87 -19.89 -10.76
CA GLU A 131 15.60 -21.31 -10.91
C GLU A 131 14.97 -21.61 -12.27
N GLU A 132 13.83 -20.97 -12.54
CA GLU A 132 13.11 -21.16 -13.80
C GLU A 132 14.02 -20.88 -15.00
N ARG A 133 14.93 -19.94 -14.82
CA ARG A 133 15.88 -19.56 -15.88
C ARG A 133 16.87 -20.70 -16.11
N GLU A 134 17.45 -21.20 -15.02
CA GLU A 134 18.43 -22.28 -15.09
C GLU A 134 17.77 -23.56 -15.62
N ALA A 135 16.44 -23.63 -15.55
CA ALA A 135 15.71 -24.80 -16.02
C ALA A 135 15.04 -24.57 -17.37
N GLY A 136 15.56 -23.61 -18.13
CA GLY A 136 15.01 -23.30 -19.44
C GLY A 136 13.51 -23.13 -19.54
N GLN A 137 12.91 -22.43 -18.57
CA GLN A 137 11.46 -22.20 -18.58
C GLN A 137 11.13 -20.71 -18.74
N THR A 138 12.15 -19.91 -19.00
CA THR A 138 11.99 -18.46 -19.15
C THR A 138 10.87 -18.05 -20.09
N ASN A 139 10.93 -18.49 -21.35
CA ASN A 139 9.90 -18.14 -22.31
C ASN A 139 8.52 -18.63 -21.90
N ALA A 140 8.47 -19.81 -21.31
CA ALA A 140 7.22 -20.39 -20.87
C ALA A 140 6.62 -19.57 -19.73
N VAL A 141 7.41 -19.39 -18.68
CA VAL A 141 6.97 -18.63 -17.50
C VAL A 141 6.46 -17.25 -17.88
N VAL A 142 7.27 -16.52 -18.65
CA VAL A 142 6.91 -15.18 -19.07
C VAL A 142 5.68 -15.13 -19.95
N ALA A 143 5.54 -16.12 -20.83
CA ALA A 143 4.38 -16.19 -21.72
C ALA A 143 3.12 -16.44 -20.92
N SER A 144 3.24 -17.24 -19.86
CA SER A 144 2.11 -17.56 -19.01
C SER A 144 1.61 -16.33 -18.26
N GLN A 145 2.54 -15.56 -17.70
CA GLN A 145 2.18 -14.37 -16.94
C GLN A 145 1.55 -13.32 -17.85
N VAL A 146 2.10 -13.16 -19.04
CA VAL A 146 1.57 -12.19 -19.98
C VAL A 146 0.17 -12.55 -20.49
N GLU A 147 -0.07 -13.84 -20.73
CA GLU A 147 -1.38 -14.28 -21.20
C GLU A 147 -2.42 -14.01 -20.13
N LYS A 148 -2.16 -14.52 -18.93
CA LYS A 148 -3.08 -14.36 -17.81
C LYS A 148 -3.30 -12.89 -17.46
N ALA A 149 -2.24 -12.12 -17.47
CA ALA A 149 -2.32 -10.70 -17.15
C ALA A 149 -3.19 -9.92 -18.13
N LEU A 150 -3.08 -10.25 -19.43
CA LEU A 150 -3.83 -9.55 -20.45
C LEU A 150 -5.20 -10.13 -20.77
N ALA A 151 -5.44 -11.35 -20.31
CA ALA A 151 -6.71 -12.03 -20.56
C ALA A 151 -7.91 -11.14 -20.23
N GLY A 152 -8.76 -10.90 -21.22
CA GLY A 152 -9.93 -10.08 -21.01
C GLY A 152 -9.87 -8.73 -21.69
N LEU A 153 -8.70 -8.38 -22.21
CA LEU A 153 -8.54 -7.11 -22.89
C LEU A 153 -8.87 -7.24 -24.36
N THR A 154 -9.08 -6.10 -25.01
CA THR A 154 -9.37 -6.09 -26.45
C THR A 154 -8.05 -5.70 -27.10
N PRO A 155 -7.88 -6.02 -28.39
CA PRO A 155 -6.62 -5.66 -29.05
C PRO A 155 -6.32 -4.16 -28.98
N GLU A 156 -7.37 -3.35 -29.00
CA GLU A 156 -7.22 -1.90 -28.95
C GLU A 156 -6.56 -1.43 -27.66
N GLN A 157 -6.96 -2.00 -26.53
CA GLN A 157 -6.39 -1.59 -25.26
C GLN A 157 -5.02 -2.24 -25.01
N VAL A 158 -4.81 -3.42 -25.59
CA VAL A 158 -3.55 -4.10 -25.43
C VAL A 158 -2.46 -3.23 -26.04
N LYS A 159 -2.82 -2.48 -27.08
CA LYS A 159 -1.88 -1.59 -27.76
C LYS A 159 -1.38 -0.52 -26.81
N GLN A 160 -2.23 -0.11 -25.88
CA GLN A 160 -1.87 0.94 -24.93
C GLN A 160 -1.23 0.41 -23.66
N ALA A 161 -1.21 -0.90 -23.49
CA ALA A 161 -0.61 -1.48 -22.31
C ALA A 161 0.91 -1.49 -22.45
N VAL A 162 1.59 -1.62 -21.33
CA VAL A 162 3.05 -1.66 -21.32
C VAL A 162 3.47 -2.89 -20.52
N ILE A 163 4.26 -3.75 -21.14
CA ILE A 163 4.73 -4.93 -20.45
C ILE A 163 6.19 -4.68 -20.09
N ALA A 164 6.56 -5.05 -18.88
CA ALA A 164 7.93 -4.87 -18.42
C ALA A 164 8.50 -6.22 -18.02
N TYR A 165 9.39 -6.75 -18.87
CA TYR A 165 10.02 -8.02 -18.59
C TYR A 165 11.18 -7.75 -17.63
N GLU A 166 11.16 -8.42 -16.49
CA GLU A 166 12.21 -8.23 -15.50
C GLU A 166 12.71 -9.53 -14.89
N PRO A 167 13.87 -10.01 -15.34
CA PRO A 167 14.37 -11.26 -14.76
C PRO A 167 14.46 -11.00 -13.26
N ILE A 168 13.73 -11.76 -12.47
CA ILE A 168 13.76 -11.55 -11.03
C ILE A 168 15.20 -11.48 -10.54
N TRP A 169 16.03 -12.40 -11.03
CA TRP A 169 17.43 -12.46 -10.65
C TRP A 169 18.23 -11.21 -11.03
N ALA A 170 17.68 -10.39 -11.90
CA ALA A 170 18.36 -9.16 -12.34
C ALA A 170 17.90 -7.90 -11.63
N ILE A 171 16.82 -8.00 -10.85
CA ILE A 171 16.31 -6.83 -10.13
C ILE A 171 17.17 -6.42 -8.95
N GLY A 172 17.69 -5.20 -9.01
CA GLY A 172 18.52 -4.64 -7.96
C GLY A 172 19.75 -5.43 -7.58
N THR A 173 20.13 -6.40 -8.40
CA THR A 173 21.29 -7.24 -8.13
C THR A 173 22.56 -6.74 -8.79
N GLY A 174 22.42 -5.80 -9.72
CA GLY A 174 23.60 -5.30 -10.41
C GLY A 174 23.90 -6.21 -11.58
N LYS A 175 23.23 -7.35 -11.62
CA LYS A 175 23.41 -8.30 -12.69
C LYS A 175 22.24 -8.24 -13.65
N SER A 176 22.38 -7.45 -14.71
CA SER A 176 21.32 -7.30 -15.69
C SER A 176 21.50 -8.31 -16.82
N SER A 177 20.41 -8.67 -17.47
CA SER A 177 20.46 -9.61 -18.56
C SER A 177 21.23 -8.94 -19.71
N THR A 178 21.55 -9.72 -20.74
CA THR A 178 22.25 -9.18 -21.89
C THR A 178 21.20 -8.63 -22.83
N PRO A 179 21.53 -7.58 -23.59
CA PRO A 179 20.54 -7.01 -24.52
C PRO A 179 19.97 -8.07 -25.46
N GLU A 180 20.85 -8.91 -25.98
CA GLU A 180 20.43 -9.98 -26.90
C GLU A 180 19.39 -10.88 -26.26
N ASP A 181 19.73 -11.42 -25.10
CA ASP A 181 18.83 -12.31 -24.37
C ASP A 181 17.51 -11.62 -24.06
N ALA A 182 17.58 -10.42 -23.50
CA ALA A 182 16.37 -9.66 -23.15
C ALA A 182 15.54 -9.42 -24.41
N ASN A 183 16.21 -9.23 -25.53
CA ASN A 183 15.52 -9.02 -26.80
C ASN A 183 14.78 -10.29 -27.19
N SER A 184 15.38 -11.44 -26.87
CA SER A 184 14.77 -12.73 -27.19
C SER A 184 13.49 -12.90 -26.37
N VAL A 185 13.61 -12.69 -25.07
CA VAL A 185 12.47 -12.82 -24.17
C VAL A 185 11.37 -11.83 -24.55
N CYS A 186 11.76 -10.59 -24.81
CA CYS A 186 10.78 -9.58 -25.18
C CYS A 186 10.18 -9.93 -26.52
N GLY A 187 11.00 -10.48 -27.40
CA GLY A 187 10.53 -10.88 -28.72
C GLY A 187 9.48 -11.95 -28.55
N HIS A 188 9.75 -12.91 -27.67
CA HIS A 188 8.80 -13.98 -27.42
C HIS A 188 7.49 -13.40 -26.91
N ILE A 189 7.58 -12.48 -25.96
CA ILE A 189 6.40 -11.83 -25.40
C ILE A 189 5.58 -11.21 -26.49
N ARG A 190 6.22 -10.39 -27.31
CA ARG A 190 5.53 -9.71 -28.41
C ARG A 190 4.83 -10.73 -29.31
N SER A 191 5.46 -11.88 -29.49
CA SER A 191 4.89 -12.94 -30.32
C SER A 191 3.61 -13.44 -29.66
N VAL A 192 3.68 -13.65 -28.35
CA VAL A 192 2.53 -14.12 -27.58
C VAL A 192 1.40 -13.12 -27.71
N VAL A 193 1.74 -11.84 -27.64
CA VAL A 193 0.74 -10.79 -27.76
C VAL A 193 0.13 -10.87 -29.16
N SER A 194 0.95 -11.27 -30.12
CA SER A 194 0.49 -11.39 -31.50
C SER A 194 -0.44 -12.59 -31.67
N ARG A 195 -0.01 -13.73 -31.17
CA ARG A 195 -0.80 -14.96 -31.25
C ARG A 195 -2.13 -14.82 -30.52
N LEU A 196 -2.22 -13.83 -29.62
CA LEU A 196 -3.44 -13.63 -28.86
C LEU A 196 -4.27 -12.42 -29.29
N PHE A 197 -3.59 -11.36 -29.72
CA PHE A 197 -4.31 -10.14 -30.11
C PHE A 197 -4.03 -9.69 -31.53
N GLY A 198 -3.36 -10.53 -32.31
CA GLY A 198 -3.05 -10.15 -33.68
C GLY A 198 -1.78 -9.32 -33.75
N PRO A 199 -1.18 -9.20 -34.94
CA PRO A 199 0.06 -8.43 -35.16
C PRO A 199 -0.08 -6.91 -34.96
N GLU A 200 -1.24 -6.36 -35.29
CA GLU A 200 -1.47 -4.93 -35.13
C GLU A 200 -1.22 -4.50 -33.69
N ALA A 201 -1.63 -5.35 -32.74
CA ALA A 201 -1.45 -5.05 -31.33
C ALA A 201 -0.04 -5.37 -30.87
N ALA A 202 0.51 -6.46 -31.40
CA ALA A 202 1.85 -6.88 -31.02
C ALA A 202 2.93 -5.88 -31.45
N GLU A 203 2.68 -5.16 -32.53
CA GLU A 203 3.65 -4.18 -33.03
C GLU A 203 3.50 -2.83 -32.35
N ALA A 204 2.36 -2.60 -31.71
CA ALA A 204 2.10 -1.33 -31.04
C ALA A 204 2.44 -1.41 -29.55
N ILE A 205 2.13 -2.55 -28.93
CA ILE A 205 2.39 -2.70 -27.51
C ILE A 205 3.88 -2.48 -27.24
N ARG A 206 4.17 -1.75 -26.17
CA ARG A 206 5.54 -1.47 -25.81
C ARG A 206 6.00 -2.40 -24.71
N ILE A 207 7.19 -2.97 -24.89
CA ILE A 207 7.77 -3.89 -23.95
C ILE A 207 9.09 -3.32 -23.43
N GLN A 208 9.18 -3.17 -22.12
CA GLN A 208 10.38 -2.64 -21.50
C GLN A 208 11.18 -3.76 -20.90
N TYR A 209 12.46 -3.47 -20.67
CA TYR A 209 13.33 -4.42 -20.01
C TYR A 209 13.52 -3.81 -18.63
N GLY A 210 13.62 -4.66 -17.62
CA GLY A 210 13.82 -4.14 -16.28
C GLY A 210 14.75 -5.05 -15.51
N GLY A 211 15.57 -4.44 -14.66
CA GLY A 211 16.50 -5.21 -13.87
C GLY A 211 17.91 -4.71 -14.08
N SER A 212 18.38 -3.94 -13.10
CA SER A 212 19.73 -3.40 -13.12
C SER A 212 20.03 -2.50 -14.31
N VAL A 213 19.00 -1.90 -14.88
CA VAL A 213 19.24 -0.99 -16.01
C VAL A 213 19.93 0.25 -15.45
N LYS A 214 20.98 0.70 -16.14
CA LYS A 214 21.73 1.86 -15.72
C LYS A 214 21.90 2.84 -16.87
N PRO A 215 22.30 4.08 -16.56
CA PRO A 215 22.50 5.07 -17.62
C PRO A 215 23.53 4.56 -18.63
N ASP A 216 24.49 3.78 -18.13
CA ASP A 216 25.56 3.25 -18.99
C ASP A 216 25.23 1.99 -19.77
N ASN A 217 24.01 1.47 -19.63
CA ASN A 217 23.64 0.28 -20.39
C ASN A 217 22.24 0.36 -20.99
N ILE A 218 21.50 1.42 -20.64
CA ILE A 218 20.15 1.56 -21.14
C ILE A 218 20.08 1.63 -22.66
N ARG A 219 21.03 2.35 -23.27
CA ARG A 219 21.06 2.49 -24.72
C ARG A 219 21.20 1.14 -25.41
N ASP A 220 21.94 0.22 -24.79
CA ASP A 220 22.14 -1.11 -25.37
C ASP A 220 20.85 -1.89 -25.39
N PHE A 221 19.93 -1.56 -24.47
CA PHE A 221 18.65 -2.25 -24.41
C PHE A 221 17.67 -1.61 -25.37
N LEU A 222 17.66 -0.28 -25.40
CA LEU A 222 16.76 0.44 -26.29
C LEU A 222 17.09 0.17 -27.74
N ALA A 223 18.37 -0.10 -28.02
CA ALA A 223 18.81 -0.38 -29.38
C ALA A 223 18.12 -1.64 -29.90
N GLN A 224 17.89 -2.62 -29.03
CA GLN A 224 17.23 -3.84 -29.44
C GLN A 224 15.87 -3.52 -30.05
N GLN A 225 15.52 -4.23 -31.12
CA GLN A 225 14.27 -4.02 -31.82
C GLN A 225 13.02 -4.35 -31.00
N GLN A 226 13.13 -5.35 -30.13
CA GLN A 226 12.00 -5.77 -29.31
C GLN A 226 11.83 -5.02 -27.99
N ILE A 227 12.82 -4.20 -27.63
CA ILE A 227 12.78 -3.45 -26.37
C ILE A 227 12.45 -1.99 -26.60
N ASP A 228 11.26 -1.58 -26.16
CA ASP A 228 10.78 -0.22 -26.35
C ASP A 228 10.98 0.73 -25.17
N GLY A 229 11.73 0.30 -24.18
CA GLY A 229 11.95 1.16 -23.03
C GLY A 229 12.45 0.36 -21.86
N ALA A 230 12.49 0.99 -20.69
CA ALA A 230 12.98 0.32 -19.51
C ALA A 230 12.25 0.73 -18.24
N LEU A 231 12.14 -0.23 -17.33
CA LEU A 231 11.53 0.00 -16.03
C LEU A 231 12.79 0.06 -15.16
N VAL A 232 13.09 1.23 -14.62
CA VAL A 232 14.30 1.39 -13.82
C VAL A 232 14.05 1.61 -12.33
N GLY A 233 14.80 0.88 -11.49
CA GLY A 233 14.65 1.00 -10.07
C GLY A 233 15.68 1.94 -9.43
N GLY A 234 16.73 1.34 -8.86
CA GLY A 234 17.76 2.12 -8.20
C GLY A 234 18.28 3.34 -8.93
N ALA A 235 18.48 3.21 -10.24
CA ALA A 235 18.99 4.31 -11.04
C ALA A 235 17.96 5.40 -11.34
N SER A 236 16.78 5.30 -10.73
CA SER A 236 15.76 6.30 -10.98
C SER A 236 15.61 7.24 -9.79
N LEU A 237 16.29 6.91 -8.69
CA LEU A 237 16.18 7.72 -7.48
C LEU A 237 16.85 9.09 -7.56
N GLU A 238 17.95 9.19 -8.29
CA GLU A 238 18.65 10.47 -8.44
C GLU A 238 18.12 11.22 -9.66
N PRO A 239 17.85 12.53 -9.51
CA PRO A 239 17.35 13.37 -10.60
C PRO A 239 18.27 13.35 -11.83
N ALA A 240 19.57 13.54 -11.59
CA ALA A 240 20.53 13.56 -12.69
C ALA A 240 20.55 12.23 -13.42
N SER A 241 20.54 11.14 -12.67
CA SER A 241 20.55 9.81 -13.27
C SER A 241 19.26 9.57 -14.06
N PHE A 242 18.13 9.95 -13.46
CA PHE A 242 16.85 9.76 -14.14
C PHE A 242 16.81 10.50 -15.47
N LEU A 243 17.37 11.70 -15.51
CA LEU A 243 17.37 12.47 -16.74
C LEU A 243 18.19 11.80 -17.85
N GLN A 244 19.28 11.14 -17.48
CA GLN A 244 20.11 10.45 -18.46
C GLN A 244 19.36 9.27 -19.07
N LEU A 245 18.63 8.56 -18.21
CA LEU A 245 17.85 7.40 -18.64
C LEU A 245 16.81 7.79 -19.67
N VAL A 246 16.09 8.86 -19.38
CA VAL A 246 15.04 9.34 -20.27
C VAL A 246 15.61 9.99 -21.51
N GLU A 247 16.82 10.53 -21.39
CA GLU A 247 17.46 11.18 -22.53
C GLU A 247 17.81 10.12 -23.57
N ALA A 248 18.15 8.93 -23.08
CA ALA A 248 18.50 7.83 -23.98
C ALA A 248 17.30 7.44 -24.85
N GLY A 249 16.11 7.85 -24.43
CA GLY A 249 14.91 7.54 -25.18
C GLY A 249 14.85 8.24 -26.52
N ARG A 250 15.40 9.44 -26.61
CA ARG A 250 15.41 10.20 -27.86
C ARG A 250 16.16 9.46 -28.97
N HIS A 251 17.26 8.79 -28.61
N ARG B 1 -6.93 5.15 32.15
CA ARG B 1 -6.61 4.97 30.73
C ARG B 1 -7.46 5.85 29.83
N LYS B 2 -6.80 6.72 29.07
CA LYS B 2 -7.53 7.61 28.16
C LYS B 2 -8.12 6.84 27.00
N PRO B 3 -9.42 6.97 26.77
CA PRO B 3 -9.98 6.24 25.64
C PRO B 3 -9.42 6.72 24.30
N ILE B 4 -9.42 5.82 23.32
CA ILE B 4 -8.96 6.11 21.98
C ILE B 4 -9.95 5.51 20.98
N ILE B 5 -10.53 6.36 20.16
CA ILE B 5 -11.49 5.91 19.17
C ILE B 5 -10.88 6.18 17.81
N ALA B 6 -10.64 5.12 17.06
CA ALA B 6 -10.04 5.25 15.74
C ALA B 6 -10.97 4.88 14.61
N GLY B 7 -10.97 5.70 13.57
CA GLY B 7 -11.81 5.45 12.41
C GLY B 7 -10.93 4.90 11.30
N ASN B 8 -11.32 3.74 10.78
CA ASN B 8 -10.59 3.09 9.69
C ASN B 8 -11.46 3.17 8.46
N TRP B 9 -11.15 4.14 7.60
CA TRP B 9 -11.90 4.34 6.36
C TRP B 9 -11.66 3.24 5.35
N LYS B 10 -10.58 2.48 5.54
CA LYS B 10 -10.22 1.41 4.61
C LYS B 10 -10.09 2.04 3.24
N MET B 11 -10.37 1.28 2.19
CA MET B 11 -10.23 1.81 0.83
C MET B 11 -11.49 2.52 0.33
N ASN B 12 -11.80 3.65 0.97
CA ASN B 12 -12.97 4.44 0.62
C ASN B 12 -12.65 5.92 0.57
N GLY B 13 -13.44 6.67 -0.22
CA GLY B 13 -13.26 8.10 -0.31
C GLY B 13 -12.47 8.64 -1.48
N THR B 14 -12.52 9.95 -1.63
CA THR B 14 -11.79 10.66 -2.68
C THR B 14 -11.10 11.77 -1.90
N LEU B 15 -10.03 12.33 -2.45
CA LEU B 15 -9.31 13.38 -1.76
C LEU B 15 -10.25 14.48 -1.26
N ALA B 16 -11.05 15.04 -2.16
CA ALA B 16 -11.98 16.10 -1.81
C ALA B 16 -12.88 15.71 -0.64
N GLU B 17 -13.46 14.52 -0.68
CA GLU B 17 -14.33 14.07 0.40
C GLU B 17 -13.56 13.92 1.70
N ALA B 18 -12.34 13.41 1.59
CA ALA B 18 -11.50 13.21 2.76
C ALA B 18 -11.20 14.55 3.44
N VAL B 19 -10.93 15.58 2.64
CA VAL B 19 -10.64 16.89 3.19
C VAL B 19 -11.88 17.49 3.85
N GLN B 20 -13.02 17.37 3.17
CA GLN B 20 -14.28 17.90 3.72
C GLN B 20 -14.57 17.27 5.06
N PHE B 21 -14.35 15.95 5.14
CA PHE B 21 -14.58 15.21 6.38
C PHE B 21 -13.80 15.82 7.53
N VAL B 22 -12.48 15.91 7.37
CA VAL B 22 -11.64 16.48 8.41
C VAL B 22 -12.08 17.90 8.70
N GLU B 23 -12.43 18.61 7.62
CA GLU B 23 -12.87 19.99 7.73
C GLU B 23 -14.12 20.13 8.60
N ASP B 24 -15.10 19.27 8.37
CA ASP B 24 -16.35 19.31 9.14
C ASP B 24 -16.21 18.77 10.56
N VAL B 25 -15.18 17.95 10.78
CA VAL B 25 -15.00 17.32 12.08
C VAL B 25 -13.90 17.84 13.00
N LYS B 26 -12.75 18.17 12.43
CA LYS B 26 -11.60 18.63 13.21
C LYS B 26 -11.90 19.59 14.36
N GLY B 27 -12.91 20.44 14.19
CA GLY B 27 -13.22 21.40 15.23
C GLY B 27 -14.19 20.96 16.31
N HIS B 28 -14.99 19.94 16.03
CA HIS B 28 -15.96 19.47 17.02
C HIS B 28 -15.56 18.18 17.70
N VAL B 29 -14.30 17.80 17.57
CA VAL B 29 -13.82 16.58 18.18
C VAL B 29 -13.45 16.93 19.62
N PRO B 30 -13.64 15.99 20.56
CA PRO B 30 -13.32 16.23 21.97
C PRO B 30 -11.86 16.65 22.16
N PRO B 31 -11.56 17.26 23.33
CA PRO B 31 -10.17 17.67 23.56
C PRO B 31 -9.26 16.46 23.70
N ALA B 32 -8.06 16.58 23.16
CA ALA B 32 -7.05 15.52 23.18
C ALA B 32 -6.84 14.88 24.55
N ASP B 33 -6.91 15.67 25.60
CA ASP B 33 -6.70 15.16 26.96
C ASP B 33 -7.83 14.26 27.45
N GLU B 34 -8.97 14.30 26.78
CA GLU B 34 -10.11 13.49 27.18
C GLU B 34 -10.25 12.25 26.32
N VAL B 35 -9.97 12.40 25.03
CA VAL B 35 -10.11 11.28 24.11
C VAL B 35 -9.11 11.39 22.97
N ILE B 36 -8.62 10.23 22.53
CA ILE B 36 -7.70 10.22 21.41
C ILE B 36 -8.61 9.97 20.21
N SER B 37 -8.76 10.98 19.34
CA SER B 37 -9.60 10.86 18.15
C SER B 37 -8.73 10.64 16.92
N VAL B 38 -8.89 9.48 16.29
CA VAL B 38 -8.07 9.15 15.14
C VAL B 38 -8.80 8.75 13.86
N VAL B 39 -8.28 9.22 12.75
CA VAL B 39 -8.83 8.90 11.45
C VAL B 39 -7.71 8.29 10.61
N CYS B 40 -7.88 7.03 10.24
CA CYS B 40 -6.89 6.33 9.42
C CYS B 40 -7.41 6.27 8.00
N ALA B 41 -6.85 7.11 7.16
CA ALA B 41 -7.25 7.21 5.77
C ALA B 41 -6.28 6.58 4.78
N PRO B 42 -6.68 6.48 3.52
CA PRO B 42 -5.83 5.88 2.48
C PRO B 42 -4.54 6.69 2.31
N PHE B 43 -3.45 6.00 1.96
CA PHE B 43 -2.16 6.65 1.78
C PHE B 43 -2.21 7.94 0.97
N LEU B 44 -2.96 7.94 -0.12
CA LEU B 44 -3.06 9.11 -0.99
C LEU B 44 -3.53 10.40 -0.35
N PHE B 45 -4.36 10.29 0.69
CA PHE B 45 -4.92 11.48 1.33
C PHE B 45 -4.20 11.98 2.56
N LEU B 46 -3.32 11.15 3.12
CA LEU B 46 -2.63 11.54 4.34
C LEU B 46 -2.02 12.94 4.34
N ASP B 47 -1.32 13.29 3.27
CA ASP B 47 -0.68 14.60 3.17
C ASP B 47 -1.63 15.78 3.41
N ARG B 48 -2.70 15.86 2.63
CA ARG B 48 -3.66 16.94 2.80
C ARG B 48 -4.40 16.82 4.11
N LEU B 49 -4.66 15.59 4.52
CA LEU B 49 -5.36 15.36 5.78
C LEU B 49 -4.58 15.86 6.97
N VAL B 50 -3.26 15.67 6.96
CA VAL B 50 -2.42 16.15 8.06
C VAL B 50 -2.40 17.67 8.03
N GLN B 51 -2.38 18.22 6.83
CA GLN B 51 -2.38 19.67 6.64
C GLN B 51 -3.66 20.24 7.25
N ALA B 52 -4.79 19.70 6.82
CA ALA B 52 -6.10 20.17 7.28
C ALA B 52 -6.33 20.00 8.77
N ALA B 53 -5.77 18.96 9.38
CA ALA B 53 -5.97 18.71 10.80
C ALA B 53 -4.94 19.41 11.69
N ASP B 54 -3.99 20.09 11.08
CA ASP B 54 -2.96 20.78 11.85
C ASP B 54 -3.57 21.78 12.82
N GLY B 55 -3.07 21.77 14.06
CA GLY B 55 -3.58 22.69 15.06
C GLY B 55 -4.91 22.28 15.67
N THR B 56 -5.29 21.02 15.50
CA THR B 56 -6.53 20.53 16.07
C THR B 56 -6.23 19.26 16.83
N ASP B 57 -7.25 18.65 17.39
CA ASP B 57 -7.06 17.42 18.14
C ASP B 57 -7.25 16.18 17.29
N LEU B 58 -7.78 16.36 16.08
CA LEU B 58 -7.99 15.23 15.19
C LEU B 58 -6.61 14.70 14.78
N LYS B 59 -6.39 13.41 15.02
CA LYS B 59 -5.12 12.79 14.68
C LYS B 59 -5.25 11.95 13.41
N ILE B 60 -4.22 11.99 12.58
CA ILE B 60 -4.23 11.24 11.34
C ILE B 60 -3.40 9.98 11.41
N GLY B 61 -3.98 8.87 10.96
CA GLY B 61 -3.27 7.60 10.97
C GLY B 61 -3.26 6.92 9.62
N ALA B 62 -2.38 5.92 9.48
CA ALA B 62 -2.27 5.16 8.25
C ALA B 62 -2.91 3.81 8.53
N GLN B 63 -3.38 3.13 7.48
CA GLN B 63 -4.04 1.84 7.65
C GLN B 63 -3.04 0.69 7.61
N THR B 64 -1.79 1.01 7.32
CA THR B 64 -0.74 0.02 7.28
C THR B 64 0.57 0.70 6.93
N MET B 65 1.62 -0.10 6.81
CA MET B 65 2.93 0.42 6.46
C MET B 65 3.83 -0.80 6.41
N HIS B 66 5.05 -0.60 5.95
CA HIS B 66 6.00 -1.70 5.90
C HIS B 66 6.85 -1.58 7.16
N PHE B 67 7.74 -2.55 7.38
CA PHE B 67 8.59 -2.49 8.56
C PHE B 67 9.95 -1.85 8.28
N ALA B 68 10.42 -1.91 7.04
CA ALA B 68 11.71 -1.33 6.70
C ALA B 68 11.66 0.19 6.54
N ASP B 69 12.79 0.86 6.76
CA ASP B 69 12.84 2.31 6.61
C ASP B 69 12.79 2.71 5.16
N GLN B 70 13.25 1.83 4.29
CA GLN B 70 13.26 2.09 2.86
C GLN B 70 13.75 0.81 2.21
N GLY B 71 13.63 0.72 0.89
CA GLY B 71 14.10 -0.47 0.21
C GLY B 71 13.31 -0.91 -1.00
N ALA B 72 13.73 -2.03 -1.56
CA ALA B 72 13.09 -2.59 -2.74
C ALA B 72 11.80 -3.30 -2.35
N TYR B 73 10.75 -2.51 -2.10
CA TYR B 73 9.44 -3.03 -1.71
C TYR B 73 8.41 -2.20 -2.47
N THR B 74 8.34 -2.43 -3.77
CA THR B 74 7.43 -1.70 -4.63
C THR B 74 6.02 -1.66 -4.06
N GLY B 75 5.47 -0.45 -3.97
CA GLY B 75 4.12 -0.27 -3.46
C GLY B 75 4.01 -0.07 -1.96
N GLU B 76 5.06 -0.39 -1.22
CA GLU B 76 4.99 -0.24 0.23
C GLU B 76 5.35 1.17 0.72
N VAL B 77 4.81 1.53 1.88
CA VAL B 77 5.06 2.83 2.49
C VAL B 77 5.82 2.62 3.80
N SER B 78 6.91 3.36 4.00
CA SER B 78 7.72 3.19 5.19
C SER B 78 7.32 4.06 6.38
N PRO B 79 7.66 3.61 7.60
CA PRO B 79 7.33 4.38 8.79
C PRO B 79 8.04 5.75 8.76
N VAL B 80 9.22 5.79 8.15
CA VAL B 80 9.95 7.05 8.05
C VAL B 80 9.09 8.04 7.24
N MET B 81 8.60 7.58 6.10
CA MET B 81 7.74 8.41 5.25
C MET B 81 6.51 8.89 6.00
N LEU B 82 5.93 8.02 6.81
CA LEU B 82 4.73 8.37 7.57
C LEU B 82 5.04 9.37 8.67
N LYS B 83 6.09 9.12 9.43
CA LYS B 83 6.47 10.02 10.50
C LYS B 83 6.74 11.39 9.90
N ASP B 84 7.55 11.43 8.86
CA ASP B 84 7.92 12.66 8.18
C ASP B 84 6.69 13.46 7.74
N LEU B 85 5.66 12.76 7.29
CA LEU B 85 4.43 13.41 6.83
C LEU B 85 3.63 14.02 7.96
N GLY B 86 3.81 13.52 9.17
CA GLY B 86 3.07 14.04 10.30
C GLY B 86 1.99 13.07 10.74
N VAL B 87 2.02 11.85 10.22
CA VAL B 87 1.06 10.83 10.62
C VAL B 87 1.49 10.35 12.00
N THR B 88 0.53 10.10 12.89
CA THR B 88 0.88 9.67 14.23
C THR B 88 0.49 8.23 14.55
N TYR B 89 -0.58 7.73 13.94
CA TYR B 89 -1.01 6.36 14.19
C TYR B 89 -0.90 5.50 12.95
N VAL B 90 -0.83 4.19 13.16
CA VAL B 90 -0.77 3.25 12.05
C VAL B 90 -1.41 1.95 12.48
N ILE B 91 -2.33 1.46 11.65
CA ILE B 91 -3.00 0.21 11.92
C ILE B 91 -2.10 -0.90 11.42
N LEU B 92 -1.90 -1.90 12.27
CA LEU B 92 -1.04 -3.02 11.91
C LEU B 92 -1.75 -4.35 12.15
N GLY B 93 -1.56 -5.28 11.23
CA GLY B 93 -2.16 -6.59 11.36
C GLY B 93 -3.67 -6.68 11.24
N HIS B 94 -4.28 -5.73 10.53
CA HIS B 94 -5.73 -5.79 10.35
C HIS B 94 -6.01 -7.12 9.66
N SER B 95 -7.05 -7.82 10.10
CA SER B 95 -7.37 -9.14 9.53
C SER B 95 -7.47 -9.13 8.01
N GLU B 96 -7.90 -8.01 7.45
CA GLU B 96 -8.01 -7.89 6.01
C GLU B 96 -6.67 -8.09 5.33
N ARG B 97 -5.62 -7.57 5.95
CA ARG B 97 -4.29 -7.72 5.35
C ARG B 97 -3.72 -9.09 5.69
N ARG B 98 -4.07 -9.61 6.87
CA ARG B 98 -3.59 -10.92 7.28
C ARG B 98 -4.20 -11.99 6.39
N GLN B 99 -5.42 -11.75 5.92
CA GLN B 99 -6.11 -12.72 5.06
C GLN B 99 -5.83 -12.62 3.57
N MET B 100 -5.62 -11.41 3.06
CA MET B 100 -5.41 -11.26 1.62
C MET B 100 -4.02 -10.84 1.17
N PHE B 101 -3.26 -10.19 2.03
CA PHE B 101 -1.96 -9.70 1.60
C PHE B 101 -0.74 -10.25 2.32
N ALA B 102 -0.86 -11.49 2.77
CA ALA B 102 0.24 -12.20 3.41
C ALA B 102 0.81 -11.53 4.66
N GLU B 103 -0.01 -10.79 5.39
CA GLU B 103 0.47 -10.16 6.61
C GLU B 103 0.52 -11.27 7.66
N THR B 104 1.69 -11.49 8.26
CA THR B 104 1.83 -12.53 9.28
C THR B 104 2.14 -11.92 10.63
N ASP B 105 2.12 -12.76 11.65
CA ASP B 105 2.42 -12.31 13.00
C ASP B 105 3.85 -11.81 12.99
N GLU B 106 4.70 -12.48 12.23
CA GLU B 106 6.10 -12.11 12.12
C GLU B 106 6.27 -10.71 11.54
N THR B 107 5.56 -10.43 10.44
CA THR B 107 5.65 -9.11 9.82
C THR B 107 4.93 -8.05 10.68
N VAL B 108 3.90 -8.46 11.39
CA VAL B 108 3.19 -7.52 12.26
C VAL B 108 4.17 -7.12 13.36
N ASN B 109 4.86 -8.11 13.92
CA ASN B 109 5.83 -7.84 14.97
C ASN B 109 6.93 -6.90 14.48
N LYS B 110 7.46 -7.17 13.27
CA LYS B 110 8.49 -6.32 12.72
C LYS B 110 7.98 -4.88 12.58
N LYS B 111 6.74 -4.74 12.10
CA LYS B 111 6.15 -3.43 11.94
C LYS B 111 5.90 -2.73 13.29
N VAL B 112 5.49 -3.51 14.29
CA VAL B 112 5.25 -2.92 15.60
C VAL B 112 6.56 -2.34 16.13
N LEU B 113 7.65 -3.10 15.99
CA LEU B 113 8.94 -2.63 16.44
C LEU B 113 9.33 -1.38 15.66
N ALA B 114 9.09 -1.42 14.34
CA ALA B 114 9.41 -0.30 13.47
C ALA B 114 8.61 0.94 13.86
N ALA B 115 7.36 0.73 14.26
CA ALA B 115 6.49 1.84 14.65
C ALA B 115 7.09 2.61 15.83
N PHE B 116 7.43 1.87 16.89
CA PHE B 116 8.00 2.51 18.07
C PHE B 116 9.35 3.13 17.78
N THR B 117 10.07 2.55 16.83
CA THR B 117 11.37 3.05 16.45
C THR B 117 11.24 4.37 15.70
N ARG B 118 10.14 4.54 14.98
CA ARG B 118 9.94 5.76 14.21
C ARG B 118 8.95 6.76 14.79
N GLY B 119 8.52 6.56 16.03
CA GLY B 119 7.60 7.50 16.65
C GLY B 119 6.15 7.48 16.22
N LEU B 120 5.65 6.31 15.85
CA LEU B 120 4.26 6.19 15.45
C LEU B 120 3.59 5.29 16.48
N ILE B 121 2.34 5.60 16.81
CA ILE B 121 1.60 4.77 17.75
C ILE B 121 0.96 3.67 16.94
N PRO B 122 1.24 2.41 17.30
CA PRO B 122 0.67 1.28 16.56
C PRO B 122 -0.65 0.78 17.14
N ILE B 123 -1.61 0.54 16.24
CA ILE B 123 -2.90 -0.01 16.63
C ILE B 123 -2.80 -1.45 16.09
N ILE B 124 -2.46 -2.37 16.99
CA ILE B 124 -2.27 -3.76 16.61
C ILE B 124 -3.56 -4.56 16.64
N CYS B 125 -3.91 -5.10 15.49
CA CYS B 125 -5.12 -5.87 15.37
C CYS B 125 -4.94 -7.36 15.57
N CYS B 126 -5.85 -7.93 16.35
CA CYS B 126 -5.85 -9.35 16.62
C CYS B 126 -7.32 -9.77 16.61
N GLY B 127 -7.57 -11.05 16.39
CA GLY B 127 -8.94 -11.51 16.36
C GLY B 127 -9.04 -12.93 15.88
N GLU B 128 -10.04 -13.65 16.39
CA GLU B 128 -10.25 -15.03 16.02
C GLU B 128 -11.26 -15.08 14.88
N SER B 129 -11.26 -16.18 14.15
CA SER B 129 -12.21 -16.36 13.06
C SER B 129 -13.44 -17.03 13.64
N LEU B 130 -14.46 -17.21 12.81
CA LEU B 130 -15.66 -17.87 13.27
C LEU B 130 -15.33 -19.28 13.72
N GLU B 131 -14.61 -20.02 12.88
CA GLU B 131 -14.22 -21.39 13.17
C GLU B 131 -13.44 -21.52 14.48
N GLU B 132 -12.48 -20.63 14.67
CA GLU B 132 -11.66 -20.66 15.88
C GLU B 132 -12.55 -20.35 17.09
N ARG B 133 -13.46 -19.41 16.90
CA ARG B 133 -14.38 -19.03 17.96
C ARG B 133 -15.25 -20.23 18.34
N GLU B 134 -15.81 -20.89 17.32
CA GLU B 134 -16.66 -22.05 17.55
C GLU B 134 -15.90 -23.25 18.12
N ALA B 135 -14.58 -23.27 17.93
CA ALA B 135 -13.76 -24.35 18.46
C ALA B 135 -13.27 -23.97 19.86
N GLY B 136 -13.72 -22.81 20.35
CA GLY B 136 -13.30 -22.36 21.66
C GLY B 136 -11.82 -22.07 21.76
N GLN B 137 -11.24 -21.57 20.66
CA GLN B 137 -9.81 -21.26 20.63
C GLN B 137 -9.55 -19.76 20.66
N THR B 138 -10.61 -18.98 20.85
CA THR B 138 -10.52 -17.53 20.89
C THR B 138 -9.34 -17.01 21.72
N ASN B 139 -9.32 -17.37 23.00
CA ASN B 139 -8.27 -16.90 23.90
C ASN B 139 -6.87 -17.31 23.50
N ALA B 140 -6.74 -18.53 23.00
CA ALA B 140 -5.43 -19.03 22.58
C ALA B 140 -4.96 -18.28 21.34
N VAL B 141 -5.86 -18.10 20.38
CA VAL B 141 -5.54 -17.41 19.15
C VAL B 141 -5.12 -15.97 19.44
N VAL B 142 -5.95 -15.28 20.20
CA VAL B 142 -5.69 -13.90 20.55
C VAL B 142 -4.43 -13.76 21.38
N ALA B 143 -4.18 -14.73 22.25
CA ALA B 143 -2.99 -14.68 23.09
C ALA B 143 -1.76 -14.80 22.22
N SER B 144 -1.78 -15.77 21.33
CA SER B 144 -0.67 -16.01 20.41
C SER B 144 -0.35 -14.80 19.52
N GLN B 145 -1.39 -14.14 19.00
CA GLN B 145 -1.17 -12.99 18.14
C GLN B 145 -0.59 -11.81 18.91
N VAL B 146 -1.12 -11.58 20.11
CA VAL B 146 -0.65 -10.49 20.95
C VAL B 146 0.77 -10.74 21.38
N GLU B 147 1.08 -11.98 21.74
CA GLU B 147 2.42 -12.33 22.18
C GLU B 147 3.45 -12.10 21.09
N LYS B 148 3.15 -12.60 19.89
CA LYS B 148 4.07 -12.45 18.78
C LYS B 148 4.19 -11.01 18.31
N ALA B 149 3.09 -10.27 18.37
CA ALA B 149 3.11 -8.89 17.94
C ALA B 149 3.95 -7.99 18.85
N LEU B 150 3.82 -8.17 20.16
CA LEU B 150 4.57 -7.34 21.11
C LEU B 150 5.97 -7.83 21.43
N ALA B 151 6.34 -8.99 20.87
CA ALA B 151 7.66 -9.56 21.12
C ALA B 151 8.79 -8.59 20.78
N GLY B 152 9.64 -8.32 21.76
CA GLY B 152 10.76 -7.42 21.53
C GLY B 152 10.58 -6.02 22.06
N LEU B 153 9.40 -5.71 22.58
CA LEU B 153 9.15 -4.38 23.12
C LEU B 153 9.50 -4.29 24.59
N THR B 154 9.73 -3.07 25.06
CA THR B 154 10.03 -2.84 26.46
C THR B 154 8.68 -2.53 27.10
N PRO B 155 8.58 -2.71 28.42
CA PRO B 155 7.30 -2.42 29.07
C PRO B 155 6.86 -0.97 28.85
N GLU B 156 7.83 -0.06 28.80
CA GLU B 156 7.54 1.35 28.61
C GLU B 156 6.86 1.58 27.26
N GLN B 157 7.26 0.82 26.25
CA GLN B 157 6.67 0.95 24.90
C GLN B 157 5.30 0.31 24.86
N VAL B 158 5.16 -0.85 25.49
CA VAL B 158 3.88 -1.54 25.51
C VAL B 158 2.80 -0.62 26.06
N LYS B 159 3.17 0.23 27.01
CA LYS B 159 2.21 1.16 27.60
C LYS B 159 1.57 2.06 26.55
N GLN B 160 2.35 2.42 25.53
CA GLN B 160 1.87 3.32 24.48
C GLN B 160 1.23 2.58 23.30
N ALA B 161 1.43 1.26 23.24
CA ALA B 161 0.86 0.48 22.17
C ALA B 161 -0.65 0.40 22.32
N VAL B 162 -1.34 0.23 21.21
CA VAL B 162 -2.79 0.09 21.27
C VAL B 162 -3.12 -1.23 20.61
N ILE B 163 -3.82 -2.08 21.34
CA ILE B 163 -4.22 -3.37 20.80
C ILE B 163 -5.71 -3.29 20.50
N ALA B 164 -6.08 -3.73 19.30
CA ALA B 164 -7.48 -3.72 18.88
C ALA B 164 -7.99 -5.15 18.69
N TYR B 165 -8.85 -5.58 19.60
CA TYR B 165 -9.42 -6.91 19.50
C TYR B 165 -10.60 -6.84 18.54
N GLU B 166 -10.50 -7.57 17.43
CA GLU B 166 -11.57 -7.56 16.46
C GLU B 166 -11.92 -8.96 15.99
N PRO B 167 -12.95 -9.57 16.60
CA PRO B 167 -13.29 -10.91 16.13
C PRO B 167 -13.56 -10.77 14.63
N ILE B 168 -12.88 -11.56 13.82
CA ILE B 168 -13.03 -11.46 12.38
C ILE B 168 -14.48 -11.55 11.92
N TRP B 169 -15.25 -12.41 12.57
CA TRP B 169 -16.66 -12.58 12.20
C TRP B 169 -17.49 -11.33 12.46
N ALA B 170 -16.94 -10.37 13.19
CA ALA B 170 -17.64 -9.13 13.53
C ALA B 170 -17.31 -7.96 12.63
N ILE B 171 -16.35 -8.13 11.74
CA ILE B 171 -15.94 -7.05 10.87
C ILE B 171 -16.87 -6.83 9.68
N GLY B 172 -17.51 -5.66 9.66
CA GLY B 172 -18.41 -5.29 8.59
C GLY B 172 -19.55 -6.27 8.38
N THR B 173 -19.81 -7.13 9.35
CA THR B 173 -20.89 -8.12 9.21
C THR B 173 -22.20 -7.66 9.86
N GLY B 174 -22.14 -6.65 10.70
CA GLY B 174 -23.35 -6.18 11.36
C GLY B 174 -23.56 -6.95 12.66
N LYS B 175 -22.73 -7.98 12.87
CA LYS B 175 -22.81 -8.78 14.07
C LYS B 175 -21.62 -8.45 14.96
N SER B 176 -21.85 -7.75 16.04
CA SER B 176 -20.77 -7.40 16.94
C SER B 176 -20.78 -8.34 18.14
N SER B 177 -19.66 -8.42 18.83
CA SER B 177 -19.56 -9.26 20.01
C SER B 177 -20.30 -8.52 21.12
N THR B 178 -20.76 -9.22 22.13
CA THR B 178 -21.45 -8.54 23.23
C THR B 178 -20.36 -7.86 24.04
N PRO B 179 -20.70 -6.78 24.76
CA PRO B 179 -19.72 -6.07 25.58
C PRO B 179 -19.06 -7.00 26.59
N GLU B 180 -19.85 -7.88 27.20
CA GLU B 180 -19.34 -8.82 28.17
C GLU B 180 -18.28 -9.74 27.58
N ASP B 181 -18.60 -10.36 26.44
CA ASP B 181 -17.66 -11.25 25.78
C ASP B 181 -16.41 -10.50 25.35
N ALA B 182 -16.60 -9.33 24.73
CA ALA B 182 -15.48 -8.52 24.29
C ALA B 182 -14.63 -8.08 25.48
N ASN B 183 -15.29 -7.80 26.60
CA ASN B 183 -14.58 -7.38 27.80
C ASN B 183 -13.77 -8.56 28.34
N SER B 184 -14.33 -9.76 28.23
CA SER B 184 -13.64 -10.94 28.69
C SER B 184 -12.38 -11.18 27.85
N VAL B 185 -12.52 -11.10 26.54
CA VAL B 185 -11.38 -11.32 25.67
C VAL B 185 -10.33 -10.24 25.89
N CYS B 186 -10.77 -8.99 26.01
CA CYS B 186 -9.86 -7.88 26.24
C CYS B 186 -9.19 -8.03 27.60
N GLY B 187 -9.93 -8.58 28.57
CA GLY B 187 -9.37 -8.78 29.89
C GLY B 187 -8.28 -9.83 29.77
N HIS B 188 -8.53 -10.82 28.93
CA HIS B 188 -7.57 -11.89 28.71
C HIS B 188 -6.34 -11.32 28.03
N ILE B 189 -6.55 -10.40 27.10
CA ILE B 189 -5.44 -9.78 26.39
C ILE B 189 -4.61 -8.99 27.40
N ARG B 190 -5.29 -8.22 28.25
CA ARG B 190 -4.59 -7.42 29.25
C ARG B 190 -3.79 -8.37 30.14
N SER B 191 -4.40 -9.50 30.49
CA SER B 191 -3.75 -10.49 31.34
C SER B 191 -2.52 -11.06 30.64
N VAL B 192 -2.62 -11.28 29.33
CA VAL B 192 -1.50 -11.79 28.56
C VAL B 192 -0.38 -10.75 28.59
N VAL B 193 -0.75 -9.48 28.52
CA VAL B 193 0.21 -8.40 28.55
C VAL B 193 0.87 -8.33 29.93
N SER B 194 0.07 -8.50 30.97
CA SER B 194 0.56 -8.45 32.34
C SER B 194 1.58 -9.55 32.61
N ARG B 195 1.38 -10.72 32.03
CA ARG B 195 2.30 -11.83 32.22
C ARG B 195 3.56 -11.72 31.38
N LEU B 196 3.49 -10.89 30.35
CA LEU B 196 4.64 -10.70 29.48
C LEU B 196 5.46 -9.47 29.82
N PHE B 197 4.77 -8.41 30.28
CA PHE B 197 5.44 -7.17 30.59
C PHE B 197 5.21 -6.57 31.98
N GLY B 198 4.44 -7.28 32.80
CA GLY B 198 4.17 -6.76 34.14
C GLY B 198 2.85 -6.03 34.25
N PRO B 199 2.28 -5.97 35.46
CA PRO B 199 1.00 -5.31 35.74
C PRO B 199 0.94 -3.83 35.41
N GLU B 200 2.08 -3.16 35.46
CA GLU B 200 2.11 -1.73 35.16
C GLU B 200 1.84 -1.48 33.68
N ALA B 201 2.48 -2.26 32.82
CA ALA B 201 2.29 -2.11 31.39
C ALA B 201 0.86 -2.47 31.00
N ALA B 202 0.34 -3.53 31.60
CA ALA B 202 -1.02 -4.00 31.29
C ALA B 202 -2.10 -3.05 31.78
N GLU B 203 -1.79 -2.30 32.83
CA GLU B 203 -2.76 -1.37 33.38
C GLU B 203 -2.80 -0.09 32.56
N ALA B 204 -1.75 0.15 31.77
CA ALA B 204 -1.68 1.35 30.95
C ALA B 204 -2.05 1.12 29.48
N ILE B 205 -1.67 -0.04 28.95
CA ILE B 205 -1.96 -0.33 27.54
C ILE B 205 -3.45 -0.27 27.25
N ARG B 206 -3.80 0.45 26.19
CA ARG B 206 -5.20 0.59 25.82
C ARG B 206 -5.62 -0.48 24.82
N ILE B 207 -6.74 -1.12 25.15
CA ILE B 207 -7.30 -2.19 24.34
C ILE B 207 -8.65 -1.79 23.79
N GLN B 208 -8.73 -1.73 22.46
CA GLN B 208 -9.97 -1.37 21.79
C GLN B 208 -10.74 -2.61 21.36
N TYR B 209 -12.01 -2.40 21.08
CA TYR B 209 -12.82 -3.47 20.55
C TYR B 209 -13.14 -2.96 19.13
N GLY B 210 -13.24 -3.89 18.18
CA GLY B 210 -13.54 -3.50 16.82
C GLY B 210 -14.40 -4.57 16.18
N GLY B 211 -15.28 -4.15 15.27
CA GLY B 211 -16.14 -5.10 14.60
C GLY B 211 -17.59 -4.73 14.76
N SER B 212 -18.10 -3.98 13.79
CA SER B 212 -19.47 -3.52 13.76
C SER B 212 -19.86 -2.59 14.90
N VAL B 213 -18.92 -1.77 15.33
CA VAL B 213 -19.19 -0.81 16.38
C VAL B 213 -19.98 0.33 15.74
N LYS B 214 -21.03 0.79 16.41
CA LYS B 214 -21.86 1.87 15.90
C LYS B 214 -22.04 2.93 16.97
N PRO B 215 -22.40 4.16 16.57
CA PRO B 215 -22.58 5.21 17.57
C PRO B 215 -23.66 4.87 18.58
N ASP B 216 -24.47 3.86 18.29
CA ASP B 216 -25.52 3.46 19.22
C ASP B 216 -25.07 2.36 20.17
N ASN B 217 -23.86 1.83 19.97
CA ASN B 217 -23.37 0.80 20.87
C ASN B 217 -21.94 1.00 21.37
N ILE B 218 -21.27 2.09 20.98
CA ILE B 218 -19.91 2.30 21.46
C ILE B 218 -19.92 2.41 22.98
N ARG B 219 -20.89 3.16 23.51
CA ARG B 219 -20.99 3.35 24.96
C ARG B 219 -21.01 2.04 25.72
N ASP B 220 -21.73 1.06 25.19
CA ASP B 220 -21.82 -0.26 25.83
C ASP B 220 -20.46 -0.93 25.93
N PHE B 221 -19.64 -0.74 24.91
CA PHE B 221 -18.31 -1.30 24.89
C PHE B 221 -17.40 -0.46 25.77
N LEU B 222 -17.42 0.84 25.55
CA LEU B 222 -16.57 1.75 26.31
C LEU B 222 -16.79 1.62 27.81
N ALA B 223 -18.04 1.35 28.19
CA ALA B 223 -18.39 1.19 29.61
C ALA B 223 -17.63 0.03 30.25
N GLN B 224 -17.24 -0.96 29.46
CA GLN B 224 -16.51 -2.10 29.98
C GLN B 224 -15.16 -1.67 30.52
N GLN B 225 -14.76 -2.29 31.62
CA GLN B 225 -13.51 -1.99 32.31
C GLN B 225 -12.25 -2.31 31.51
N GLN B 226 -12.32 -3.38 30.71
CA GLN B 226 -11.17 -3.81 29.92
C GLN B 226 -11.14 -3.18 28.53
N ILE B 227 -12.21 -2.50 28.14
CA ILE B 227 -12.26 -1.90 26.82
C ILE B 227 -12.05 -0.38 26.90
N ASP B 228 -10.99 0.08 26.27
CA ASP B 228 -10.60 1.48 26.28
C ASP B 228 -10.93 2.27 25.02
N GLY B 229 -11.59 1.64 24.06
CA GLY B 229 -11.91 2.36 22.85
C GLY B 229 -12.41 1.47 21.75
N ALA B 230 -12.61 2.06 20.58
CA ALA B 230 -13.10 1.29 19.45
C ALA B 230 -12.38 1.60 18.14
N LEU B 231 -12.19 0.55 17.35
CA LEU B 231 -11.59 0.66 16.04
C LEU B 231 -12.86 0.53 15.19
N VAL B 232 -13.19 1.60 14.47
CA VAL B 232 -14.42 1.62 13.69
C VAL B 232 -14.25 1.76 12.19
N GLY B 233 -14.81 0.80 11.45
CA GLY B 233 -14.75 0.83 10.00
C GLY B 233 -15.95 1.55 9.40
N GLY B 234 -16.93 0.78 8.96
CA GLY B 234 -18.12 1.34 8.35
C GLY B 234 -18.67 2.64 8.92
N ALA B 235 -18.94 2.66 10.22
CA ALA B 235 -19.50 3.84 10.86
C ALA B 235 -18.57 5.04 11.02
N SER B 236 -17.39 4.99 10.43
CA SER B 236 -16.46 6.13 10.55
C SER B 236 -16.41 6.88 9.23
N LEU B 237 -17.15 6.39 8.24
CA LEU B 237 -17.15 7.01 6.92
C LEU B 237 -17.90 8.34 6.84
N GLU B 238 -18.90 8.53 7.70
CA GLU B 238 -19.67 9.77 7.69
C GLU B 238 -19.24 10.66 8.88
N PRO B 239 -19.04 11.95 8.63
CA PRO B 239 -18.62 12.92 9.65
C PRO B 239 -19.50 12.91 10.91
N ALA B 240 -20.81 12.98 10.72
CA ALA B 240 -21.75 13.00 11.83
C ALA B 240 -21.59 11.75 12.69
N SER B 241 -21.51 10.60 12.03
CA SER B 241 -21.34 9.33 12.71
C SER B 241 -20.03 9.32 13.52
N PHE B 242 -18.95 9.72 12.87
CA PHE B 242 -17.64 9.77 13.51
C PHE B 242 -17.66 10.62 14.78
N LEU B 243 -18.31 11.78 14.70
CA LEU B 243 -18.40 12.67 15.84
C LEU B 243 -19.09 12.00 17.03
N GLN B 244 -20.14 11.24 16.75
CA GLN B 244 -20.86 10.55 17.82
C GLN B 244 -19.96 9.51 18.47
N LEU B 245 -19.12 8.89 17.67
CA LEU B 245 -18.22 7.86 18.17
C LEU B 245 -17.22 8.46 19.15
N VAL B 246 -16.45 9.44 18.69
CA VAL B 246 -15.47 10.06 19.55
C VAL B 246 -16.12 10.72 20.76
N GLU B 247 -17.32 11.25 20.58
CA GLU B 247 -18.03 11.92 21.66
C GLU B 247 -18.26 10.98 22.84
N ALA B 248 -18.52 9.71 22.54
CA ALA B 248 -18.77 8.72 23.57
C ALA B 248 -17.55 8.47 24.46
N GLY B 249 -16.38 8.90 24.01
CA GLY B 249 -15.17 8.70 24.80
C GLY B 249 -15.04 9.67 25.95
N ARG B 250 -15.95 10.65 26.02
CA ARG B 250 -15.91 11.64 27.09
C ARG B 250 -16.58 11.13 28.36
N HIS B 251 -16.01 11.47 29.51
P PGA C . 16.46 -2.12 -10.51
O1P PGA C . 14.93 -2.44 -10.23
O2P PGA C . 17.13 -3.41 -10.89
O3P PGA C . 17.03 -1.53 -9.26
O4P PGA C . 16.52 -1.10 -11.69
C2 PGA C . 14.02 -2.49 -11.32
C1 PGA C . 12.58 -2.58 -10.92
O1 PGA C . 12.37 -3.19 -9.81
O2 PGA C . 11.71 -2.11 -11.60
P PGA D . -16.36 -2.40 10.93
O1P PGA D . -14.81 -2.68 10.70
O2P PGA D . -16.94 -1.96 9.63
O3P PGA D . -16.52 -1.37 12.01
O4P PGA D . -16.97 -3.76 11.40
C2 PGA D . -13.90 -2.47 11.78
C1 PGA D . -12.46 -2.53 11.36
O1 PGA D . -12.24 -3.07 10.22
O2 PGA D . -11.60 -2.10 12.08
#